data_6JGC
#
_entry.id   6JGC
#
_cell.length_a   100.106
_cell.length_b   100.106
_cell.length_c   182.727
_cell.angle_alpha   90.000
_cell.angle_beta   90.000
_cell.angle_gamma   90.000
#
_symmetry.space_group_name_H-M   'P 43 21 2'
#
loop_
_entity.id
_entity.type
_entity.pdbx_description
1 polymer 'BETA-D-GLUCAN GLUCOHYDROLASE ISOENZYME EXO1'
2 non-polymer alpha-D-glucopyranose
3 non-polymer 2-acetamido-2-deoxy-beta-D-glucopyranose
4 non-polymer 'SULFATE ION'
5 non-polymer GLYCEROL
6 non-polymer 'PENTAETHYLENE GLYCOL'
7 non-polymer 'ACETATE ION'
8 water water
#
_entity_poly.entity_id   1
_entity_poly.type   'polypeptide(L)'
_entity_poly.pdbx_seq_one_letter_code
;HHAADYVLYKDATKPVEDRVADLLGRMTLAEKIGQMTQIERLVATPDVLRDNFIGSLLSGGGSVPRKGATAKEWQDMVDG
FQKACMSTRLGIPMIYGIDAVHGQNNVYGATIFPHNVGLGATRDPYLVKRIGEATALEVRATGIQYAFAPCIAVCRDPRW
GRCYESYSEDRRIVQSMTELIPGLQGDVPKDFTSGMPFVAGKNKVAACAKHFVGDGGTVDGINENNTIINREGLMNIHMP
AYKNAMDKGVSTVMISYSSWNGVKMHANQDLVTGYLKDTLKFKGFVISDYEGIDRITTPAGSDYSYSVKASILAGLDMIM
VPNKYQQFISILTGHVNGGVIPMSRIDDAVTRILRVKFTMGLFENPYADPAMAEQLGKQEHRDLAREAARKSLVLLKNGK
TSTDAPLLPLPKKAPKILVAGSHADNLGYQCGGWTIEWQGDTGRTTVGTTILEAVKAAVDPSTVVVFAENPDAEFVKSGG
FSYAIVAVGEHPYTETKGDNLNLTIPEPGLSTVQAVCGGVRCATVLISGRPVVVQPLLAASDALVAAWLPGSEGQGVTDA
LFGDFGFTGRLPRTWFKSVDQLPMNVGDAHYDPLFRLGYGLTTNATKKY
;
_entity_poly.pdbx_strand_id   A
#
# COMPACT_ATOMS: atom_id res chain seq x y z
N HIS A 1 -1.28 18.76 -39.23
CA HIS A 1 0.00 19.54 -39.25
C HIS A 1 1.16 18.80 -39.95
N HIS A 2 1.02 18.53 -41.26
CA HIS A 2 2.14 18.06 -42.14
C HIS A 2 2.66 16.66 -41.84
N ALA A 3 3.62 16.19 -42.67
CA ALA A 3 4.06 14.76 -42.76
C ALA A 3 3.00 13.88 -43.47
N ALA A 4 3.43 12.91 -44.29
CA ALA A 4 2.51 12.13 -45.18
C ALA A 4 1.35 11.35 -44.47
N ASP A 5 0.39 10.72 -44.02
CA ASP A 5 0.23 9.72 -42.92
C ASP A 5 0.16 10.30 -41.45
N TYR A 6 -0.44 11.50 -41.34
CA TYR A 6 -0.59 12.23 -40.08
C TYR A 6 -1.93 11.93 -39.40
N VAL A 7 -1.76 11.59 -38.15
CA VAL A 7 -2.78 11.07 -37.32
C VAL A 7 -2.62 11.90 -36.07
N LEU A 8 -3.62 12.72 -35.84
CA LEU A 8 -3.62 13.70 -34.82
C LEU A 8 -3.34 13.09 -33.43
N TYR A 9 -3.96 11.94 -33.10
CA TYR A 9 -3.71 11.28 -31.79
C TYR A 9 -2.24 10.91 -31.58
N LYS A 10 -1.49 10.81 -32.67
CA LYS A 10 -0.07 10.50 -32.55
C LYS A 10 0.78 11.72 -32.41
N ASP A 11 0.21 12.91 -32.47
CA ASP A 11 0.94 14.18 -32.45
C ASP A 11 1.11 14.65 -31.00
N ALA A 12 2.29 14.50 -30.44
CA ALA A 12 2.54 14.91 -29.06
C ALA A 12 2.33 16.41 -28.78
N THR A 13 2.30 17.24 -29.81
CA THR A 13 2.12 18.65 -29.54
C THR A 13 0.63 18.95 -29.42
N LYS A 14 -0.29 18.00 -29.59
CA LYS A 14 -1.71 18.38 -29.52
C LYS A 14 -2.25 18.25 -28.12
N PRO A 15 -3.33 18.96 -27.82
CA PRO A 15 -3.94 18.78 -26.52
C PRO A 15 -4.48 17.40 -26.28
N VAL A 16 -4.39 16.98 -25.01
CA VAL A 16 -4.82 15.65 -24.59
C VAL A 16 -6.25 15.43 -25.06
N GLU A 17 -7.18 16.37 -24.79
CA GLU A 17 -8.60 16.09 -25.12
C GLU A 17 -8.84 15.88 -26.62
N ASP A 18 -8.06 16.54 -27.47
CA ASP A 18 -8.11 16.27 -28.93
C ASP A 18 -7.50 14.92 -29.32
N ARG A 19 -6.43 14.52 -28.68
CA ARG A 19 -5.82 13.26 -29.02
C ARG A 19 -6.80 12.15 -28.61
N VAL A 20 -7.47 12.34 -27.46
CA VAL A 20 -8.45 11.35 -26.96
C VAL A 20 -9.59 11.23 -27.93
N ALA A 21 -10.19 12.37 -28.29
CA ALA A 21 -11.35 12.37 -29.18
C ALA A 21 -10.97 11.81 -30.54
N ASP A 22 -9.80 12.20 -31.04
CA ASP A 22 -9.31 11.69 -32.33
C ASP A 22 -9.11 10.19 -32.35
N LEU A 23 -8.58 9.64 -31.25
CA LEU A 23 -8.31 8.23 -31.20
C LEU A 23 -9.64 7.46 -30.98
N LEU A 24 -10.42 7.93 -30.01
CA LEU A 24 -11.72 7.33 -29.73
C LEU A 24 -12.57 7.17 -31.01
N GLY A 25 -12.61 8.19 -31.83
CA GLY A 25 -13.42 8.12 -33.05
C GLY A 25 -13.02 7.09 -34.08
N ARG A 26 -11.81 6.54 -33.96
CA ARG A 26 -11.28 5.54 -34.89
C ARG A 26 -11.46 4.13 -34.39
N MET A 27 -11.85 3.94 -33.14
CA MET A 27 -11.72 2.58 -32.60
C MET A 27 -12.94 1.68 -32.87
N THR A 28 -12.72 0.41 -33.15
CA THR A 28 -13.80 -0.53 -33.21
C THR A 28 -14.26 -0.84 -31.83
N LEU A 29 -15.36 -1.56 -31.78
CA LEU A 29 -15.91 -2.02 -30.53
C LEU A 29 -14.96 -2.92 -29.79
N ALA A 30 -14.33 -3.84 -30.50
CA ALA A 30 -13.35 -4.75 -29.89
C ALA A 30 -12.14 -3.96 -29.30
N GLU A 31 -11.67 -2.92 -30.02
CA GLU A 31 -10.56 -2.03 -29.57
C GLU A 31 -10.93 -1.26 -28.29
N LYS A 32 -12.19 -0.82 -28.25
CA LYS A 32 -12.72 -0.15 -27.09
C LYS A 32 -12.80 -1.02 -25.84
N ILE A 33 -13.38 -2.20 -26.00
CA ILE A 33 -13.51 -3.15 -24.88
C ILE A 33 -12.16 -3.64 -24.39
N GLY A 34 -11.22 -3.78 -25.33
CA GLY A 34 -9.82 -4.10 -25.07
C GLY A 34 -9.25 -3.13 -24.07
N GLN A 35 -9.44 -1.83 -24.36
CA GLN A 35 -8.92 -0.80 -23.46
C GLN A 35 -9.49 -0.96 -22.06
N MET A 36 -10.70 -1.46 -21.97
CA MET A 36 -11.33 -1.61 -20.67
C MET A 36 -10.90 -2.86 -19.94
N THR A 37 -10.01 -3.65 -20.54
CA THR A 37 -9.68 -4.94 -19.99
C THR A 37 -8.24 -4.95 -19.46
N GLN A 38 -8.10 -5.29 -18.15
CA GLN A 38 -6.80 -5.46 -17.51
C GLN A 38 -6.62 -6.93 -17.15
N ILE A 39 -5.52 -7.54 -17.55
CA ILE A 39 -5.35 -8.95 -17.32
C ILE A 39 -4.04 -9.15 -16.56
N GLU A 40 -3.95 -10.28 -15.89
CA GLU A 40 -2.78 -10.66 -15.17
C GLU A 40 -1.64 -11.03 -16.13
N ARG A 41 -0.42 -10.59 -15.82
CA ARG A 41 0.72 -11.04 -16.63
C ARG A 41 0.72 -12.59 -16.70
N LEU A 42 0.21 -13.27 -15.70
CA LEU A 42 0.19 -14.73 -15.68
C LEU A 42 -0.62 -15.32 -16.82
N VAL A 43 -1.51 -14.55 -17.47
CA VAL A 43 -2.29 -15.12 -18.58
C VAL A 43 -1.96 -14.44 -19.91
N ALA A 44 -1.03 -13.50 -19.90
CA ALA A 44 -0.79 -12.69 -21.05
C ALA A 44 0.26 -13.32 -21.94
N THR A 45 0.10 -13.08 -23.24
CA THR A 45 1.06 -13.44 -24.22
C THR A 45 0.94 -12.40 -25.27
N PRO A 46 1.99 -12.30 -26.10
CA PRO A 46 1.99 -11.32 -27.14
C PRO A 46 0.78 -11.41 -28.01
N ASP A 47 0.46 -12.62 -28.43
CA ASP A 47 -0.75 -12.85 -29.23
C ASP A 47 -2.06 -12.49 -28.55
N VAL A 48 -2.22 -12.88 -27.27
CA VAL A 48 -3.40 -12.46 -26.51
C VAL A 48 -3.54 -10.91 -26.45
N LEU A 49 -2.43 -10.23 -26.21
CA LEU A 49 -2.48 -8.79 -26.05
C LEU A 49 -2.84 -8.10 -27.37
N ARG A 50 -2.25 -8.56 -28.47
CA ARG A 50 -2.48 -8.07 -29.83
C ARG A 50 -3.90 -8.40 -30.28
N ASP A 51 -4.28 -9.69 -30.20
CA ASP A 51 -5.60 -10.14 -30.67
C ASP A 51 -6.79 -9.57 -29.90
N ASN A 52 -6.67 -9.37 -28.58
CA ASN A 52 -7.75 -8.74 -27.81
C ASN A 52 -7.63 -7.23 -27.52
N PHE A 53 -6.63 -6.56 -28.10
CA PHE A 53 -6.49 -5.13 -28.01
C PHE A 53 -6.42 -4.67 -26.56
N ILE A 54 -5.69 -5.46 -25.77
CA ILE A 54 -5.71 -5.29 -24.31
C ILE A 54 -5.10 -3.93 -23.89
N GLY A 55 -5.76 -3.29 -22.93
CA GLY A 55 -5.38 -1.93 -22.50
C GLY A 55 -4.45 -1.91 -21.30
N SER A 56 -4.49 -2.97 -20.49
CA SER A 56 -3.75 -2.96 -19.30
C SER A 56 -3.37 -4.36 -18.83
N LEU A 57 -2.22 -4.41 -18.16
CA LEU A 57 -1.79 -5.58 -17.44
C LEU A 57 -1.52 -5.23 -15.97
N LEU A 58 -1.56 -6.27 -15.13
CA LEU A 58 -1.04 -6.12 -13.80
C LEU A 58 -0.24 -7.29 -13.34
N SER A 59 0.56 -7.00 -12.31
CA SER A 59 1.06 -8.01 -11.39
C SER A 59 0.27 -7.89 -10.14
N GLY A 60 -0.45 -8.91 -9.80
CA GLY A 60 -0.94 -9.10 -8.42
C GLY A 60 0.21 -9.37 -7.46
N GLY A 61 -0.07 -9.34 -6.17
CA GLY A 61 0.85 -9.72 -5.13
C GLY A 61 1.56 -11.03 -5.50
N GLY A 62 2.90 -11.00 -5.58
CA GLY A 62 3.67 -12.20 -5.86
C GLY A 62 3.77 -12.65 -7.32
N SER A 63 3.22 -11.85 -8.22
CA SER A 63 3.25 -12.18 -9.66
C SER A 63 4.48 -11.49 -10.29
N VAL A 64 5.55 -12.26 -10.41
CA VAL A 64 6.85 -11.84 -10.86
C VAL A 64 7.36 -12.74 -11.99
N PRO A 65 8.20 -12.18 -12.86
CA PRO A 65 8.70 -12.96 -13.99
C PRO A 65 9.53 -14.15 -13.51
N ARG A 66 10.30 -13.88 -12.45
CA ARG A 66 10.81 -14.93 -11.55
C ARG A 66 11.35 -14.44 -10.23
N LYS A 67 11.64 -15.42 -9.39
CA LYS A 67 12.16 -15.18 -8.06
C LYS A 67 13.53 -14.55 -8.24
N GLY A 68 13.76 -13.42 -7.57
CA GLY A 68 15.07 -12.79 -7.61
C GLY A 68 15.30 -11.98 -8.88
N ALA A 69 14.25 -11.76 -9.67
CA ALA A 69 14.45 -11.13 -10.97
C ALA A 69 15.04 -9.70 -10.82
N THR A 70 15.99 -9.37 -11.69
CA THR A 70 16.62 -8.05 -11.69
C THR A 70 15.68 -6.99 -12.28
N ALA A 71 16.03 -5.71 -12.04
CA ALA A 71 15.29 -4.61 -12.64
C ALA A 71 15.18 -4.76 -14.16
N LYS A 72 16.27 -5.17 -14.81
CA LYS A 72 16.23 -5.26 -16.23
C LYS A 72 15.36 -6.44 -16.71
N GLU A 73 15.28 -7.53 -15.94
CA GLU A 73 14.33 -8.58 -16.24
C GLU A 73 12.91 -8.05 -16.23
N TRP A 74 12.57 -7.23 -15.23
CA TRP A 74 11.25 -6.65 -15.20
C TRP A 74 11.04 -5.75 -16.42
N GLN A 75 12.03 -4.91 -16.74
CA GLN A 75 11.91 -4.04 -17.92
C GLN A 75 11.72 -4.85 -19.19
N ASP A 76 12.43 -5.95 -19.32
CA ASP A 76 12.30 -6.80 -20.52
C ASP A 76 10.93 -7.44 -20.60
N MET A 77 10.39 -7.88 -19.49
CA MET A 77 9.06 -8.43 -19.46
C MET A 77 8.03 -7.38 -19.87
N VAL A 78 8.12 -6.19 -19.29
CA VAL A 78 7.16 -5.15 -19.58
C VAL A 78 7.26 -4.67 -21.03
N ASP A 79 8.50 -4.43 -21.48
CA ASP A 79 8.71 -4.06 -22.89
C ASP A 79 8.24 -5.15 -23.83
N GLY A 80 8.44 -6.43 -23.53
CA GLY A 80 7.91 -7.48 -24.40
C GLY A 80 6.38 -7.46 -24.52
N PHE A 81 5.68 -7.31 -23.41
CA PHE A 81 4.21 -7.08 -23.49
C PHE A 81 3.84 -5.83 -24.32
N GLN A 82 4.60 -4.78 -24.13
CA GLN A 82 4.30 -3.50 -24.71
C GLN A 82 4.53 -3.54 -26.21
N LYS A 83 5.57 -4.22 -26.66
CA LYS A 83 5.79 -4.35 -28.09
C LYS A 83 4.61 -5.05 -28.79
N ALA A 84 4.00 -6.04 -28.15
CA ALA A 84 2.82 -6.68 -28.71
C ALA A 84 1.67 -5.67 -28.79
N CYS A 85 1.46 -4.86 -27.75
CA CYS A 85 0.39 -3.87 -27.79
C CYS A 85 0.64 -2.77 -28.81
N MET A 86 1.88 -2.32 -28.97
CA MET A 86 2.22 -1.27 -29.94
C MET A 86 2.08 -1.81 -31.37
N SER A 87 2.07 -3.11 -31.56
CA SER A 87 1.99 -3.65 -32.93
C SER A 87 0.50 -3.79 -33.38
N THR A 88 -0.47 -3.38 -32.54
CA THR A 88 -1.87 -3.32 -32.99
C THR A 88 -2.07 -2.26 -34.06
N ARG A 89 -3.16 -2.40 -34.79
CA ARG A 89 -3.51 -1.41 -35.81
C ARG A 89 -3.35 0.08 -35.30
N LEU A 90 -3.95 0.39 -34.14
CA LEU A 90 -3.91 1.76 -33.60
C LEU A 90 -2.67 2.03 -32.76
N GLY A 91 -1.93 0.98 -32.37
CA GLY A 91 -0.72 1.15 -31.56
C GLY A 91 -1.01 1.80 -30.20
N ILE A 92 -2.03 1.35 -29.48
CA ILE A 92 -2.33 1.95 -28.18
C ILE A 92 -1.49 1.24 -27.11
N PRO A 93 -0.57 1.98 -26.48
CA PRO A 93 0.23 1.34 -25.43
C PRO A 93 -0.58 0.91 -24.22
N MET A 94 -0.25 -0.27 -23.71
CA MET A 94 -0.81 -0.68 -22.49
C MET A 94 -0.13 0.04 -21.29
N ILE A 95 -0.83 0.07 -20.20
CA ILE A 95 -0.34 0.56 -18.92
C ILE A 95 -0.26 -0.62 -17.97
N TYR A 96 0.86 -0.76 -17.28
CA TYR A 96 1.14 -1.92 -16.44
C TYR A 96 1.03 -1.45 -14.99
N GLY A 97 0.25 -2.14 -14.18
CA GLY A 97 0.02 -1.75 -12.79
C GLY A 97 0.50 -2.81 -11.82
N ILE A 98 0.82 -2.33 -10.62
CA ILE A 98 1.31 -3.21 -9.56
C ILE A 98 1.05 -2.60 -8.21
N ASP A 99 0.89 -3.43 -7.20
CA ASP A 99 0.83 -2.93 -5.79
C ASP A 99 2.20 -2.50 -5.26
N ALA A 100 2.59 -1.26 -5.54
CA ALA A 100 3.76 -0.66 -4.86
C ALA A 100 3.18 0.17 -3.72
N VAL A 101 2.88 -0.49 -2.62
CA VAL A 101 2.19 0.15 -1.51
C VAL A 101 3.10 0.49 -0.32
N HIS A 102 4.33 -0.01 -0.32
CA HIS A 102 5.37 0.46 0.63
C HIS A 102 6.74 0.31 0.03
N GLY A 103 6.96 1.08 -1.05
CA GLY A 103 8.00 0.78 -2.04
C GLY A 103 7.51 -0.17 -3.11
N GLN A 104 8.38 -0.57 -4.00
CA GLN A 104 8.05 -1.48 -5.10
C GLN A 104 8.21 -2.93 -4.57
N ASN A 105 7.26 -3.29 -3.71
CA ASN A 105 7.42 -4.32 -2.75
C ASN A 105 7.40 -5.74 -3.30
N ASN A 106 6.96 -5.96 -4.52
CA ASN A 106 7.05 -7.31 -5.13
C ASN A 106 8.43 -7.69 -5.62
N VAL A 107 9.32 -6.72 -5.66
CA VAL A 107 10.52 -6.87 -6.43
C VAL A 107 11.66 -7.12 -5.49
N TYR A 108 12.45 -8.12 -5.82
CA TYR A 108 13.58 -8.44 -5.00
C TYR A 108 14.51 -7.25 -5.07
N GLY A 109 14.98 -6.75 -3.92
CA GLY A 109 16.01 -5.71 -3.86
C GLY A 109 15.47 -4.27 -3.81
N ALA A 110 14.14 -4.16 -3.88
CA ALA A 110 13.44 -2.91 -3.81
C ALA A 110 13.45 -2.47 -2.37
N THR A 111 13.68 -1.18 -2.15
CA THR A 111 13.57 -0.58 -0.87
C THR A 111 12.15 -0.79 -0.32
N ILE A 112 12.04 -1.37 0.88
CA ILE A 112 10.75 -1.56 1.55
C ILE A 112 10.56 -0.53 2.68
N PHE A 113 9.60 0.34 2.46
CA PHE A 113 9.29 1.41 3.37
C PHE A 113 8.32 0.91 4.45
N PRO A 114 8.28 1.59 5.61
CA PRO A 114 7.24 1.24 6.57
C PRO A 114 5.86 1.20 5.93
N HIS A 115 5.00 0.29 6.43
CA HIS A 115 3.58 0.36 6.07
C HIS A 115 2.88 1.61 6.61
N ASN A 116 1.73 1.89 6.00
CA ASN A 116 0.96 3.13 6.22
C ASN A 116 0.70 3.51 7.65
N VAL A 117 0.41 2.51 8.50
CA VAL A 117 0.06 2.81 9.89
C VAL A 117 1.22 3.48 10.61
N GLY A 118 2.42 2.96 10.37
CA GLY A 118 3.62 3.55 10.93
C GLY A 118 3.89 4.93 10.35
N LEU A 119 3.60 5.08 9.07
CA LEU A 119 3.69 6.39 8.45
C LEU A 119 2.75 7.41 9.07
N GLY A 120 1.53 7.02 9.43
CA GLY A 120 0.62 7.94 10.13
C GLY A 120 1.17 8.37 11.51
N ALA A 121 1.91 7.46 12.17
CA ALA A 121 2.56 7.76 13.43
C ALA A 121 3.56 8.88 13.27
N THR A 122 4.06 9.08 12.07
CA THR A 122 5.09 10.11 11.87
C THR A 122 4.47 11.50 11.84
N ARG A 123 3.16 11.60 11.60
CA ARG A 123 2.58 12.91 11.36
C ARG A 123 3.41 13.77 10.39
N ASP A 124 4.06 13.18 9.38
CA ASP A 124 4.98 13.97 8.56
C ASP A 124 4.64 13.88 7.07
N PRO A 125 3.67 14.65 6.60
CA PRO A 125 3.27 14.48 5.19
C PRO A 125 4.40 14.71 4.17
N TYR A 126 5.38 15.51 4.48
CA TYR A 126 6.44 15.77 3.54
C TYR A 126 7.30 14.52 3.41
N LEU A 127 7.40 13.78 4.49
CA LEU A 127 8.14 12.53 4.46
C LEU A 127 7.43 11.53 3.51
N VAL A 128 6.11 11.44 3.61
CA VAL A 128 5.31 10.51 2.82
C VAL A 128 5.37 10.94 1.34
N LYS A 129 5.34 12.22 1.09
CA LYS A 129 5.65 12.72 -0.22
C LYS A 129 6.99 12.30 -0.80
N ARG A 130 8.06 12.37 -0.02
CA ARG A 130 9.39 11.95 -0.48
C ARG A 130 9.37 10.45 -0.71
N ILE A 131 8.62 9.73 0.09
CA ILE A 131 8.49 8.28 -0.14
C ILE A 131 7.78 7.98 -1.48
N GLY A 132 6.68 8.68 -1.78
CA GLY A 132 6.00 8.61 -3.09
C GLY A 132 7.02 8.89 -4.18
N GLU A 133 7.85 9.91 -3.99
CA GLU A 133 8.86 10.18 -5.01
C GLU A 133 9.83 9.01 -5.25
N ALA A 134 10.42 8.52 -4.18
CA ALA A 134 11.31 7.38 -4.28
C ALA A 134 10.62 6.12 -4.84
N THR A 135 9.40 5.87 -4.43
CA THR A 135 8.68 4.70 -4.84
C THR A 135 8.39 4.83 -6.35
N ALA A 136 8.09 6.03 -6.85
CA ALA A 136 7.90 6.19 -8.29
C ALA A 136 9.16 5.85 -9.09
N LEU A 137 10.34 6.24 -8.60
CA LEU A 137 11.56 5.92 -9.31
C LEU A 137 11.82 4.39 -9.29
N GLU A 138 11.57 3.72 -8.16
CA GLU A 138 11.85 2.27 -8.08
C GLU A 138 10.85 1.43 -8.91
N VAL A 139 9.63 1.94 -9.08
CA VAL A 139 8.66 1.35 -9.95
C VAL A 139 9.05 1.55 -11.41
N ARG A 140 9.40 2.78 -11.77
CA ARG A 140 9.87 3.01 -13.14
C ARG A 140 11.19 2.24 -13.45
N ALA A 141 11.98 1.98 -12.42
CA ALA A 141 13.20 1.16 -12.59
C ALA A 141 12.86 -0.22 -13.17
N THR A 142 11.66 -0.69 -12.88
CA THR A 142 11.22 -2.02 -13.31
C THR A 142 10.36 -1.96 -14.57
N GLY A 143 10.18 -0.75 -15.08
CA GLY A 143 9.48 -0.50 -16.33
C GLY A 143 8.01 -0.29 -16.12
N ILE A 144 7.57 -0.28 -14.87
CA ILE A 144 6.17 -0.16 -14.59
C ILE A 144 5.75 1.30 -14.41
N GLN A 145 4.54 1.63 -14.89
CA GLN A 145 4.06 3.02 -14.99
C GLN A 145 2.87 3.35 -14.06
N TYR A 146 2.46 2.42 -13.20
CA TYR A 146 1.19 2.56 -12.49
C TYR A 146 1.25 1.78 -11.18
N ALA A 147 1.08 2.51 -10.09
CA ALA A 147 1.02 1.97 -8.76
C ALA A 147 -0.40 2.01 -8.17
N PHE A 148 -0.88 0.90 -7.64
CA PHE A 148 -2.18 0.85 -6.96
C PHE A 148 -2.09 1.40 -5.54
N ALA A 149 -1.80 2.69 -5.41
CA ALA A 149 -1.56 3.35 -4.12
C ALA A 149 -1.87 4.86 -4.31
N PRO A 150 -2.30 5.55 -3.23
CA PRO A 150 -2.40 5.11 -1.84
C PRO A 150 -3.69 4.43 -1.45
N CYS A 151 -3.59 3.52 -0.48
CA CYS A 151 -4.73 3.13 0.24
C CYS A 151 -5.08 4.24 1.23
N ILE A 152 -6.21 4.90 1.03
CA ILE A 152 -6.67 5.96 1.90
C ILE A 152 -7.88 5.47 2.69
N ALA A 153 -7.92 4.15 2.99
CA ALA A 153 -8.95 3.66 3.91
C ALA A 153 -8.73 4.31 5.27
N VAL A 154 -9.85 4.52 5.97
CA VAL A 154 -9.82 4.95 7.37
C VAL A 154 -10.27 3.76 8.22
N CYS A 155 -9.31 3.00 8.74
CA CYS A 155 -9.58 1.78 9.46
C CYS A 155 -10.21 2.13 10.80
N ARG A 156 -11.45 1.70 10.98
CA ARG A 156 -12.19 1.99 12.20
C ARG A 156 -12.22 0.81 13.18
N ASP A 157 -11.52 -0.29 12.89
CA ASP A 157 -11.54 -1.44 13.74
C ASP A 157 -10.35 -2.25 13.32
N PRO A 158 -9.36 -2.41 14.23
CA PRO A 158 -8.09 -3.04 13.91
C PRO A 158 -8.15 -4.55 13.83
N ARG A 159 -9.34 -5.12 14.09
CA ARG A 159 -9.53 -6.50 13.76
C ARG A 159 -9.51 -6.75 12.22
N TRP A 160 -9.65 -5.70 11.43
CA TRP A 160 -9.41 -5.77 9.97
C TRP A 160 -7.96 -6.13 9.57
N GLY A 161 -7.83 -7.10 8.67
CA GLY A 161 -6.52 -7.60 8.23
C GLY A 161 -5.78 -6.57 7.36
N ARG A 162 -6.45 -5.47 6.99
CA ARG A 162 -5.84 -4.35 6.24
C ARG A 162 -5.60 -3.05 7.07
N CYS A 163 -5.74 -3.14 8.37
CA CYS A 163 -5.57 -1.94 9.22
C CYS A 163 -4.19 -1.30 8.99
N TYR A 164 -3.16 -2.13 8.83
CA TYR A 164 -1.82 -1.63 8.58
C TYR A 164 -1.68 -0.79 7.29
N GLU A 165 -2.59 -0.97 6.34
CA GLU A 165 -2.63 -0.19 5.10
C GLU A 165 -3.30 1.15 5.25
N SER A 166 -3.85 1.43 6.42
CA SER A 166 -4.52 2.70 6.71
C SER A 166 -3.61 3.50 7.59
N TYR A 167 -3.42 4.76 7.20
CA TYR A 167 -2.58 5.67 7.94
C TYR A 167 -3.17 5.97 9.33
N SER A 168 -4.48 5.95 9.48
CA SER A 168 -5.05 6.34 10.78
C SER A 168 -6.51 6.04 10.83
N GLU A 169 -7.02 5.92 12.04
CA GLU A 169 -8.47 5.88 12.31
C GLU A 169 -9.09 7.25 12.21
N ASP A 170 -8.24 8.27 12.27
CA ASP A 170 -8.63 9.64 12.10
C ASP A 170 -8.46 10.11 10.65
N ARG A 171 -9.55 10.49 10.01
CA ARG A 171 -9.47 10.88 8.59
C ARG A 171 -8.59 12.07 8.29
N ARG A 172 -8.42 12.96 9.28
CA ARG A 172 -7.57 14.14 9.09
C ARG A 172 -6.12 13.77 8.83
N ILE A 173 -5.67 12.70 9.48
CA ILE A 173 -4.32 12.19 9.24
C ILE A 173 -4.24 11.55 7.84
N VAL A 174 -5.25 10.77 7.49
CA VAL A 174 -5.31 10.18 6.17
C VAL A 174 -5.32 11.28 5.08
N GLN A 175 -6.09 12.34 5.31
CA GLN A 175 -6.14 13.47 4.36
C GLN A 175 -4.77 14.05 4.19
N SER A 176 -4.08 14.23 5.30
CA SER A 176 -2.75 14.84 5.23
C SER A 176 -1.75 13.95 4.51
N MET A 177 -1.92 12.61 4.58
CA MET A 177 -1.00 11.65 3.96
C MET A 177 -1.30 11.45 2.48
N THR A 178 -2.34 12.06 1.94
CA THR A 178 -2.56 12.03 0.49
C THR A 178 -1.47 12.76 -0.29
N GLU A 179 -0.52 13.39 0.40
CA GLU A 179 0.71 13.89 -0.20
C GLU A 179 1.52 12.79 -0.93
N LEU A 180 1.31 11.52 -0.58
CA LEU A 180 1.89 10.43 -1.39
C LEU A 180 1.62 10.67 -2.88
N ILE A 181 0.42 11.15 -3.19
CA ILE A 181 -0.03 11.29 -4.57
C ILE A 181 0.88 12.14 -5.45
N PRO A 182 1.12 13.38 -5.05
CA PRO A 182 2.04 14.18 -5.85
C PRO A 182 3.45 13.70 -5.80
N GLY A 183 3.81 12.98 -4.74
CA GLY A 183 5.10 12.29 -4.76
C GLY A 183 5.16 11.29 -5.90
N LEU A 184 4.16 10.42 -6.01
CA LEU A 184 4.17 9.37 -7.06
C LEU A 184 4.05 9.97 -8.45
N GLN A 185 3.16 10.94 -8.58
CA GLN A 185 2.73 11.50 -9.86
C GLN A 185 3.44 12.79 -10.28
N GLY A 186 4.03 13.52 -9.33
CA GLY A 186 4.49 14.92 -9.57
C GLY A 186 3.42 15.88 -9.12
N ASP A 187 3.81 17.12 -8.90
CA ASP A 187 2.89 18.17 -8.46
C ASP A 187 2.05 18.62 -9.59
N VAL A 188 0.76 18.81 -9.35
CA VAL A 188 -0.12 19.34 -10.38
C VAL A 188 0.21 20.80 -10.69
N PRO A 189 -0.14 21.27 -11.90
CA PRO A 189 0.12 22.65 -12.27
C PRO A 189 -0.58 23.67 -11.42
N LYS A 190 -0.09 24.90 -11.48
CA LYS A 190 -0.74 26.07 -10.90
C LYS A 190 -2.26 26.17 -11.20
N ASP A 191 -2.61 26.21 -12.48
CA ASP A 191 -4.02 26.18 -12.93
C ASP A 191 -4.87 25.08 -12.23
N PHE A 192 -4.43 23.86 -12.47
CA PHE A 192 -5.14 22.61 -12.22
C PHE A 192 -6.63 22.55 -11.82
N THR A 193 -7.45 21.83 -12.57
CA THR A 193 -8.83 21.62 -12.14
C THR A 193 -8.95 20.33 -11.34
N SER A 194 -9.52 20.44 -10.12
CA SER A 194 -9.70 19.34 -9.19
C SER A 194 -10.50 18.23 -9.88
N GLY A 195 -10.08 16.99 -9.69
CA GLY A 195 -10.65 15.86 -10.41
C GLY A 195 -9.98 15.48 -11.72
N MET A 196 -9.19 16.33 -12.35
CA MET A 196 -8.44 15.91 -13.56
C MET A 196 -7.28 14.97 -13.18
N PRO A 197 -7.00 13.97 -14.02
CA PRO A 197 -5.83 13.12 -13.77
C PRO A 197 -4.54 13.88 -14.09
N PHE A 198 -3.44 13.54 -13.44
CA PHE A 198 -2.19 14.14 -13.70
C PHE A 198 -1.07 13.18 -13.39
N VAL A 199 -0.15 13.03 -14.33
CA VAL A 199 1.16 12.41 -14.08
C VAL A 199 2.19 13.28 -14.83
N ALA A 200 3.37 13.53 -14.28
CA ALA A 200 4.27 14.52 -14.83
C ALA A 200 4.95 14.03 -16.03
N GLY A 201 5.19 12.74 -16.15
CA GLY A 201 5.99 12.17 -17.24
C GLY A 201 6.70 10.91 -16.77
N LYS A 202 7.78 10.59 -17.46
CA LYS A 202 8.33 9.26 -17.45
C LYS A 202 9.12 8.85 -16.21
N ASN A 203 9.44 9.80 -15.33
CA ASN A 203 9.99 9.46 -14.02
C ASN A 203 8.93 9.37 -12.91
N LYS A 204 7.66 9.49 -13.26
CA LYS A 204 6.57 9.37 -12.33
C LYS A 204 5.61 8.27 -12.75
N VAL A 205 4.69 7.95 -11.88
CA VAL A 205 3.69 6.93 -12.16
C VAL A 205 2.30 7.43 -11.90
N ALA A 206 1.33 6.82 -12.57
CA ALA A 206 -0.05 7.03 -12.19
C ALA A 206 -0.32 6.38 -10.83
N ALA A 207 -1.14 7.02 -10.03
CA ALA A 207 -1.47 6.57 -8.70
C ALA A 207 -2.92 6.16 -8.67
N CYS A 208 -3.34 5.64 -7.54
CA CYS A 208 -4.65 5.02 -7.38
C CYS A 208 -5.15 5.16 -5.96
N ALA A 209 -6.07 6.08 -5.74
CA ALA A 209 -6.71 6.23 -4.40
C ALA A 209 -7.63 5.02 -4.24
N LYS A 210 -7.44 4.25 -3.19
CA LYS A 210 -8.25 3.06 -3.01
C LYS A 210 -8.56 2.82 -1.54
N HIS A 211 -9.59 2.02 -1.22
CA HIS A 211 -10.56 1.42 -2.13
C HIS A 211 -11.89 2.14 -1.89
N PHE A 212 -12.50 2.65 -2.93
CA PHE A 212 -13.67 3.50 -2.85
C PHE A 212 -14.99 2.68 -2.66
N VAL A 213 -15.80 2.92 -1.61
CA VAL A 213 -15.45 3.77 -0.48
C VAL A 213 -15.92 3.10 0.82
N GLY A 214 -15.23 3.38 1.91
CA GLY A 214 -15.61 2.85 3.21
C GLY A 214 -15.07 1.47 3.52
N ASP A 215 -13.98 1.12 2.84
CA ASP A 215 -13.29 -0.13 3.08
C ASP A 215 -12.90 -0.30 4.55
N GLY A 216 -12.57 0.81 5.24
CA GLY A 216 -12.14 0.72 6.62
C GLY A 216 -13.21 0.74 7.69
N GLY A 217 -14.46 0.70 7.25
CA GLY A 217 -15.58 0.77 8.18
C GLY A 217 -16.43 -0.46 8.28
N THR A 218 -15.92 -1.63 7.92
CA THR A 218 -16.74 -2.80 7.95
C THR A 218 -17.10 -3.27 9.39
N VAL A 219 -18.26 -3.93 9.49
CA VAL A 219 -18.72 -4.55 10.74
C VAL A 219 -17.60 -5.47 11.21
N ASP A 220 -17.13 -5.22 12.45
CA ASP A 220 -16.11 -6.08 13.12
C ASP A 220 -14.77 -6.13 12.40
N GLY A 221 -14.54 -5.16 11.53
CA GLY A 221 -13.40 -5.16 10.66
C GLY A 221 -13.33 -6.39 9.77
N ILE A 222 -14.48 -7.00 9.46
CA ILE A 222 -14.47 -8.14 8.55
C ILE A 222 -14.15 -7.61 7.14
N ASN A 223 -13.18 -8.21 6.52
CA ASN A 223 -12.66 -7.70 5.26
C ASN A 223 -13.67 -7.95 4.17
N GLU A 224 -13.85 -6.94 3.31
CA GLU A 224 -14.72 -7.02 2.18
C GLU A 224 -16.18 -7.01 2.59
N ASN A 225 -16.48 -6.69 3.84
CA ASN A 225 -17.85 -6.89 4.35
C ASN A 225 -18.69 -5.63 4.21
N ASN A 226 -19.56 -5.36 5.19
CA ASN A 226 -20.60 -4.35 5.10
C ASN A 226 -20.31 -3.18 6.02
N THR A 227 -20.33 -2.00 5.44
CA THR A 227 -20.08 -0.80 6.17
C THR A 227 -21.44 -0.17 6.40
N ILE A 228 -21.91 -0.31 7.64
CA ILE A 228 -23.23 0.09 8.02
C ILE A 228 -23.13 1.40 8.71
N ILE A 229 -23.51 2.47 8.03
CA ILE A 229 -23.31 3.82 8.49
C ILE A 229 -24.09 4.79 7.59
N ASN A 230 -24.58 5.91 8.11
CA ASN A 230 -25.41 6.82 7.28
C ASN A 230 -24.58 7.70 6.33
N ARG A 231 -25.23 8.43 5.41
CA ARG A 231 -24.51 9.21 4.39
C ARG A 231 -23.60 10.24 5.05
N GLU A 232 -24.08 10.81 6.13
CA GLU A 232 -23.35 11.83 6.84
C GLU A 232 -22.08 11.25 7.45
N GLY A 233 -22.15 10.06 8.05
CA GLY A 233 -20.96 9.36 8.58
C GLY A 233 -20.00 8.94 7.46
N LEU A 234 -20.54 8.47 6.34
CA LEU A 234 -19.72 8.09 5.21
C LEU A 234 -18.94 9.26 4.69
N MET A 235 -19.63 10.41 4.58
CA MET A 235 -19.04 11.64 4.09
C MET A 235 -18.12 12.30 5.09
N ASN A 236 -18.34 12.09 6.39
CA ASN A 236 -17.49 12.77 7.41
C ASN A 236 -16.21 12.00 7.68
N ILE A 237 -16.30 10.67 7.57
CA ILE A 237 -15.16 9.78 7.92
C ILE A 237 -14.48 9.22 6.65
N HIS A 238 -15.24 8.51 5.83
CA HIS A 238 -14.64 7.70 4.77
C HIS A 238 -14.35 8.38 3.43
N MET A 239 -15.10 9.45 3.14
CA MET A 239 -15.02 10.18 1.87
C MET A 239 -13.95 11.26 1.72
N PRO A 240 -13.70 12.04 2.79
CA PRO A 240 -12.89 13.24 2.67
C PRO A 240 -11.58 13.16 1.98
N ALA A 241 -10.78 12.14 2.28
CA ALA A 241 -9.50 12.00 1.60
C ALA A 241 -9.64 11.80 0.07
N TYR A 242 -10.76 11.23 -0.40
CA TYR A 242 -11.00 11.18 -1.84
C TYR A 242 -11.06 12.58 -2.49
N LYS A 243 -11.61 13.56 -1.76
CA LYS A 243 -11.64 14.95 -2.20
C LYS A 243 -10.23 15.54 -2.24
N ASN A 244 -9.43 15.33 -1.19
CA ASN A 244 -8.01 15.71 -1.31
C ASN A 244 -7.31 15.01 -2.48
N ALA A 245 -7.61 13.76 -2.72
CA ALA A 245 -7.01 13.09 -3.89
C ALA A 245 -7.46 13.76 -5.19
N MET A 246 -8.74 14.11 -5.32
CA MET A 246 -9.16 14.89 -6.51
C MET A 246 -8.31 16.18 -6.72
N ASP A 247 -8.08 16.90 -5.65
CA ASP A 247 -7.31 18.15 -5.71
C ASP A 247 -5.86 17.93 -6.08
N LYS A 248 -5.34 16.74 -5.83
CA LYS A 248 -3.95 16.40 -6.24
C LYS A 248 -3.86 15.58 -7.52
N GLY A 249 -4.97 15.54 -8.26
CA GLY A 249 -4.98 14.99 -9.59
C GLY A 249 -4.77 13.50 -9.63
N VAL A 250 -5.29 12.77 -8.64
CA VAL A 250 -5.02 11.34 -8.64
C VAL A 250 -5.59 10.78 -9.97
N SER A 251 -4.84 9.85 -10.61
CA SER A 251 -5.12 9.41 -11.96
C SER A 251 -6.23 8.35 -12.00
N THR A 252 -6.28 7.48 -11.00
CA THR A 252 -7.29 6.45 -11.04
C THR A 252 -7.90 6.32 -9.66
N VAL A 253 -9.08 5.70 -9.61
CA VAL A 253 -9.67 5.25 -8.36
C VAL A 253 -10.08 3.77 -8.47
N MET A 254 -9.68 2.95 -7.51
CA MET A 254 -10.09 1.55 -7.41
C MET A 254 -11.27 1.46 -6.45
N ILE A 255 -12.23 0.63 -6.79
CA ILE A 255 -13.45 0.43 -6.06
C ILE A 255 -13.31 -0.71 -5.07
N SER A 256 -13.98 -0.59 -3.93
CA SER A 256 -13.84 -1.54 -2.87
C SER A 256 -14.68 -2.77 -3.09
N TYR A 257 -14.21 -3.89 -2.57
CA TYR A 257 -15.01 -5.12 -2.56
C TYR A 257 -16.17 -4.98 -1.62
N SER A 258 -16.04 -4.01 -0.70
CA SER A 258 -16.94 -3.86 0.42
C SER A 258 -18.29 -3.32 -0.03
N SER A 259 -19.24 -3.35 0.91
CA SER A 259 -20.60 -2.84 0.71
C SER A 259 -20.87 -1.65 1.60
N TRP A 260 -21.72 -0.76 1.09
CA TRP A 260 -22.26 0.32 1.90
C TRP A 260 -23.74 0.14 2.13
N ASN A 261 -24.11 -0.12 3.38
CA ASN A 261 -25.50 -0.37 3.77
C ASN A 261 -26.09 -1.48 2.93
N GLY A 262 -25.31 -2.55 2.75
CA GLY A 262 -25.78 -3.67 1.96
C GLY A 262 -25.64 -3.47 0.45
N VAL A 263 -25.26 -2.31 -0.07
CA VAL A 263 -25.05 -2.21 -1.52
C VAL A 263 -23.55 -2.37 -1.92
N LYS A 264 -23.29 -3.41 -2.72
CA LYS A 264 -21.96 -3.60 -3.29
C LYS A 264 -21.40 -2.33 -3.94
N MET A 265 -20.19 -1.93 -3.60
CA MET A 265 -19.59 -0.73 -4.18
C MET A 265 -19.39 -0.89 -5.68
N HIS A 266 -19.06 -2.10 -6.12
CA HIS A 266 -18.88 -2.39 -7.54
C HIS A 266 -20.15 -2.32 -8.35
N ALA A 267 -21.31 -2.24 -7.69
CA ALA A 267 -22.62 -2.09 -8.36
C ALA A 267 -23.32 -0.79 -7.97
N ASN A 268 -22.63 0.09 -7.27
CA ASN A 268 -23.24 1.31 -6.77
C ASN A 268 -23.03 2.49 -7.67
N GLN A 269 -24.06 2.76 -8.49
CA GLN A 269 -24.01 3.81 -9.52
C GLN A 269 -24.09 5.17 -8.89
N ASP A 270 -24.83 5.29 -7.81
CA ASP A 270 -25.01 6.60 -7.16
C ASP A 270 -23.70 7.07 -6.64
N LEU A 271 -22.91 6.18 -6.04
CA LEU A 271 -21.62 6.62 -5.51
C LEU A 271 -20.56 6.76 -6.61
N VAL A 272 -20.48 5.78 -7.52
CA VAL A 272 -19.39 5.77 -8.48
C VAL A 272 -19.62 6.81 -9.56
N THR A 273 -20.85 6.84 -10.08
CA THR A 273 -21.20 7.77 -11.11
C THR A 273 -21.73 9.08 -10.49
N GLY A 274 -22.78 8.97 -9.67
CA GLY A 274 -23.41 10.15 -9.08
C GLY A 274 -22.47 11.00 -8.24
N TYR A 275 -21.69 10.34 -7.39
CA TYR A 275 -20.76 11.07 -6.49
C TYR A 275 -19.35 11.30 -7.02
N LEU A 276 -18.60 10.21 -7.23
CA LEU A 276 -17.24 10.26 -7.71
C LEU A 276 -17.12 10.98 -9.01
N LYS A 277 -17.88 10.57 -10.03
CA LYS A 277 -17.73 11.20 -11.33
C LYS A 277 -18.51 12.52 -11.47
N ASP A 278 -19.76 12.57 -11.04
CA ASP A 278 -20.58 13.79 -11.31
C ASP A 278 -20.59 14.86 -10.23
N THR A 279 -20.21 14.52 -9.00
CA THR A 279 -20.06 15.51 -7.94
C THR A 279 -18.61 15.88 -7.68
N LEU A 280 -17.72 14.92 -7.39
CA LEU A 280 -16.29 15.28 -7.27
C LEU A 280 -15.68 15.61 -8.61
N LYS A 281 -16.34 15.32 -9.72
CA LYS A 281 -15.82 15.66 -11.05
C LYS A 281 -14.54 14.88 -11.42
N PHE A 282 -14.39 13.68 -10.92
CA PHE A 282 -13.27 12.84 -11.33
C PHE A 282 -13.31 12.58 -12.81
N LYS A 283 -12.20 12.90 -13.48
CA LYS A 283 -12.01 12.70 -14.91
C LYS A 283 -10.95 11.65 -15.23
N GLY A 284 -10.37 11.01 -14.21
CA GLY A 284 -9.50 9.87 -14.42
C GLY A 284 -10.35 8.62 -14.69
N PHE A 285 -9.74 7.43 -14.57
CA PHE A 285 -10.48 6.19 -14.71
C PHE A 285 -10.65 5.45 -13.42
N VAL A 286 -11.81 4.77 -13.33
CA VAL A 286 -12.22 3.94 -12.23
C VAL A 286 -11.96 2.48 -12.55
N ILE A 287 -11.27 1.78 -11.66
CA ILE A 287 -10.83 0.42 -11.94
C ILE A 287 -11.48 -0.43 -10.83
N SER A 288 -11.94 -1.62 -11.21
CA SER A 288 -12.40 -2.63 -10.29
C SER A 288 -11.28 -3.14 -9.40
N ASP A 289 -11.62 -3.70 -8.27
CA ASP A 289 -10.65 -4.57 -7.60
C ASP A 289 -10.53 -5.96 -8.29
N TYR A 290 -9.64 -6.78 -7.76
CA TYR A 290 -9.27 -8.03 -8.40
C TYR A 290 -10.39 -9.07 -8.26
N GLU A 291 -11.03 -9.35 -9.39
CA GLU A 291 -12.26 -10.11 -9.41
C GLU A 291 -13.35 -9.48 -8.52
N GLY A 292 -13.34 -8.14 -8.45
CA GLY A 292 -14.33 -7.40 -7.68
C GLY A 292 -15.72 -7.48 -8.26
N ILE A 293 -15.84 -7.57 -9.59
CA ILE A 293 -17.18 -7.59 -10.21
C ILE A 293 -17.74 -9.00 -9.99
N ASP A 294 -16.87 -10.03 -9.96
CA ASP A 294 -17.35 -11.38 -9.67
C ASP A 294 -18.02 -11.44 -8.27
N ARG A 295 -17.43 -10.71 -7.33
CA ARG A 295 -17.80 -10.84 -5.94
C ARG A 295 -19.04 -10.07 -5.64
N ILE A 296 -19.58 -9.43 -6.66
CA ILE A 296 -20.86 -8.75 -6.49
C ILE A 296 -21.93 -9.77 -6.10
N THR A 297 -21.87 -10.98 -6.64
CA THR A 297 -22.86 -12.02 -6.42
C THR A 297 -22.34 -13.01 -5.41
N THR A 298 -23.27 -13.79 -4.88
CA THR A 298 -22.94 -14.89 -3.97
C THR A 298 -23.57 -16.18 -4.49
N PRO A 299 -22.77 -17.25 -4.67
CA PRO A 299 -21.31 -17.23 -4.67
C PRO A 299 -20.71 -16.23 -5.73
N ALA A 300 -19.44 -15.91 -5.54
CA ALA A 300 -18.71 -15.02 -6.45
C ALA A 300 -18.66 -15.71 -7.78
N GLY A 301 -18.76 -14.93 -8.87
CA GLY A 301 -18.63 -15.46 -10.24
C GLY A 301 -19.80 -16.32 -10.76
N SER A 302 -20.87 -16.44 -9.97
CA SER A 302 -22.00 -17.29 -10.30
C SER A 302 -23.01 -16.68 -11.29
N ASP A 303 -22.87 -15.39 -11.63
CA ASP A 303 -23.58 -14.84 -12.80
C ASP A 303 -22.75 -13.71 -13.42
N TYR A 304 -21.73 -14.11 -14.16
CA TYR A 304 -20.70 -13.21 -14.54
C TYR A 304 -21.29 -12.20 -15.47
N SER A 305 -22.31 -12.63 -16.21
CA SER A 305 -23.04 -11.73 -17.07
C SER A 305 -23.68 -10.55 -16.34
N TYR A 306 -24.31 -10.82 -15.19
CA TYR A 306 -24.88 -9.74 -14.35
C TYR A 306 -23.75 -8.85 -13.79
N SER A 307 -22.69 -9.49 -13.36
CA SER A 307 -21.53 -8.77 -12.86
C SER A 307 -20.97 -7.72 -13.82
N VAL A 308 -20.92 -8.04 -15.10
CA VAL A 308 -20.41 -7.12 -16.11
C VAL A 308 -21.37 -5.95 -16.26
N LYS A 309 -22.65 -6.28 -16.48
CA LYS A 309 -23.73 -5.30 -16.65
C LYS A 309 -23.77 -4.36 -15.48
N ALA A 310 -23.78 -4.94 -14.27
CA ALA A 310 -23.92 -4.12 -13.07
C ALA A 310 -22.74 -3.15 -12.91
N SER A 311 -21.55 -3.70 -13.04
CA SER A 311 -20.31 -2.93 -12.79
C SER A 311 -20.14 -1.86 -13.85
N ILE A 312 -20.31 -2.28 -15.11
CA ILE A 312 -20.14 -1.31 -16.18
C ILE A 312 -21.24 -0.23 -16.15
N LEU A 313 -22.51 -0.59 -15.92
CA LEU A 313 -23.58 0.44 -15.75
C LEU A 313 -23.39 1.29 -14.47
N ALA A 314 -22.76 0.75 -13.42
CA ALA A 314 -22.45 1.54 -12.25
C ALA A 314 -21.50 2.69 -12.51
N GLY A 315 -20.69 2.58 -13.58
CA GLY A 315 -19.64 3.56 -13.91
C GLY A 315 -18.17 3.15 -13.90
N LEU A 316 -17.88 1.88 -13.66
CA LEU A 316 -16.51 1.41 -13.73
C LEU A 316 -16.03 1.51 -15.14
N ASP A 317 -14.75 1.85 -15.32
CA ASP A 317 -14.13 2.10 -16.63
C ASP A 317 -13.21 0.98 -17.07
N MET A 318 -12.40 0.51 -16.13
CA MET A 318 -11.49 -0.57 -16.40
C MET A 318 -11.78 -1.71 -15.40
N ILE A 319 -11.77 -2.95 -15.91
CA ILE A 319 -12.00 -4.13 -15.12
C ILE A 319 -10.71 -5.00 -14.99
N MET A 320 -10.33 -5.21 -13.73
CA MET A 320 -9.21 -6.03 -13.34
C MET A 320 -9.76 -7.43 -13.32
N VAL A 321 -9.72 -8.07 -14.47
CA VAL A 321 -10.58 -9.23 -14.71
C VAL A 321 -10.26 -10.35 -13.73
N PRO A 322 -8.98 -10.76 -13.67
CA PRO A 322 -7.83 -10.47 -14.48
C PRO A 322 -7.38 -11.68 -15.30
N ASN A 323 -8.06 -12.81 -15.13
CA ASN A 323 -7.67 -14.10 -15.75
C ASN A 323 -8.61 -14.54 -16.89
N LYS A 324 -9.88 -14.39 -16.63
CA LYS A 324 -10.95 -14.85 -17.53
C LYS A 324 -11.28 -13.72 -18.51
N TYR A 325 -10.28 -13.23 -19.26
CA TYR A 325 -10.48 -12.07 -20.15
C TYR A 325 -11.38 -12.41 -21.34
N GLN A 326 -11.28 -13.61 -21.82
CA GLN A 326 -12.14 -14.05 -22.95
C GLN A 326 -13.69 -13.95 -22.62
N GLN A 327 -14.09 -14.49 -21.47
CA GLN A 327 -15.47 -14.35 -20.97
C GLN A 327 -15.83 -12.86 -20.84
N PHE A 328 -14.96 -12.09 -20.16
CA PHE A 328 -15.23 -10.69 -19.93
C PHE A 328 -15.49 -9.96 -21.23
N ILE A 329 -14.59 -10.10 -22.18
CA ILE A 329 -14.74 -9.41 -23.46
C ILE A 329 -15.96 -9.92 -24.24
N SER A 330 -16.18 -11.22 -24.22
CA SER A 330 -17.32 -11.80 -24.94
C SER A 330 -18.64 -11.26 -24.39
N ILE A 331 -18.77 -11.26 -23.07
CA ILE A 331 -19.98 -10.79 -22.44
C ILE A 331 -20.24 -9.30 -22.59
N LEU A 332 -19.24 -8.47 -22.44
CA LEU A 332 -19.47 -7.04 -22.54
C LEU A 332 -19.83 -6.72 -23.98
N THR A 333 -19.19 -7.44 -24.90
CA THR A 333 -19.46 -7.28 -26.31
C THR A 333 -20.91 -7.60 -26.58
N GLY A 334 -21.39 -8.72 -26.03
CA GLY A 334 -22.81 -9.13 -26.21
C GLY A 334 -23.74 -8.11 -25.56
N HIS A 335 -23.41 -7.60 -24.39
CA HIS A 335 -24.25 -6.55 -23.81
C HIS A 335 -24.36 -5.30 -24.71
N VAL A 336 -23.25 -4.91 -25.35
CA VAL A 336 -23.27 -3.74 -26.16
C VAL A 336 -24.03 -4.01 -27.50
N ASN A 337 -23.73 -5.13 -28.15
CA ASN A 337 -24.40 -5.48 -29.40
C ASN A 337 -25.88 -5.64 -29.18
N GLY A 338 -26.30 -5.97 -27.96
CA GLY A 338 -27.68 -6.19 -27.64
C GLY A 338 -28.38 -4.95 -27.17
N GLY A 339 -27.66 -3.82 -27.09
CA GLY A 339 -28.23 -2.58 -26.63
C GLY A 339 -28.56 -2.49 -25.16
N VAL A 340 -28.07 -3.42 -24.36
CA VAL A 340 -28.21 -3.39 -22.91
C VAL A 340 -27.25 -2.41 -22.21
N ILE A 341 -26.05 -2.27 -22.80
CA ILE A 341 -25.08 -1.22 -22.34
C ILE A 341 -24.87 -0.24 -23.49
N PRO A 342 -25.20 1.01 -23.27
CA PRO A 342 -25.09 1.90 -24.38
C PRO A 342 -23.63 2.22 -24.74
N MET A 343 -23.42 2.56 -25.99
CA MET A 343 -22.13 2.96 -26.49
C MET A 343 -21.60 4.24 -25.82
N SER A 344 -22.51 5.11 -25.39
CA SER A 344 -22.04 6.26 -24.65
C SER A 344 -21.26 5.89 -23.35
N ARG A 345 -21.62 4.76 -22.73
CA ARG A 345 -20.99 4.27 -21.47
C ARG A 345 -19.61 3.74 -21.83
N ILE A 346 -19.57 2.93 -22.90
CA ILE A 346 -18.28 2.42 -23.42
C ILE A 346 -17.35 3.60 -23.78
N ASP A 347 -17.88 4.62 -24.44
CA ASP A 347 -17.06 5.73 -24.87
C ASP A 347 -16.55 6.55 -23.68
N ASP A 348 -17.38 6.72 -22.68
CA ASP A 348 -16.96 7.42 -21.48
C ASP A 348 -15.80 6.68 -20.77
N ALA A 349 -15.93 5.36 -20.62
CA ALA A 349 -14.88 4.52 -20.04
C ALA A 349 -13.58 4.64 -20.81
N VAL A 350 -13.63 4.47 -22.13
CA VAL A 350 -12.44 4.59 -22.99
C VAL A 350 -11.85 6.00 -23.02
N THR A 351 -12.72 7.01 -23.03
CA THR A 351 -12.24 8.39 -22.91
C THR A 351 -11.33 8.60 -21.70
N ARG A 352 -11.78 8.07 -20.57
CA ARG A 352 -11.09 8.20 -19.32
C ARG A 352 -9.75 7.47 -19.29
N ILE A 353 -9.72 6.27 -19.89
CA ILE A 353 -8.53 5.46 -19.87
C ILE A 353 -7.48 6.08 -20.78
N LEU A 354 -7.92 6.50 -21.94
CA LEU A 354 -7.05 7.20 -22.87
C LEU A 354 -6.59 8.54 -22.30
N ARG A 355 -7.48 9.23 -21.61
CA ARG A 355 -7.09 10.52 -21.05
C ARG A 355 -5.89 10.38 -20.10
N VAL A 356 -5.92 9.33 -19.28
CA VAL A 356 -4.83 9.10 -18.35
C VAL A 356 -3.56 8.73 -19.11
N LYS A 357 -3.69 7.89 -20.15
CA LYS A 357 -2.51 7.40 -20.90
C LYS A 357 -1.83 8.52 -21.70
N PHE A 358 -2.62 9.39 -22.33
CA PHE A 358 -2.04 10.54 -23.03
C PHE A 358 -1.39 11.53 -22.05
N THR A 359 -2.13 11.84 -20.99
CA THR A 359 -1.69 12.82 -20.02
C THR A 359 -0.36 12.42 -19.40
N MET A 360 -0.19 11.15 -19.05
CA MET A 360 1.06 10.68 -18.43
C MET A 360 2.24 10.55 -19.41
N GLY A 361 1.98 10.68 -20.70
CA GLY A 361 3.01 10.60 -21.70
C GLY A 361 3.25 9.19 -22.20
N LEU A 362 2.31 8.29 -21.98
CA LEU A 362 2.52 6.90 -22.33
C LEU A 362 2.66 6.68 -23.86
N PHE A 363 1.95 7.48 -24.64
CA PHE A 363 2.10 7.40 -26.10
C PHE A 363 3.47 7.88 -26.55
N GLU A 364 4.16 8.70 -25.76
CA GLU A 364 5.51 9.16 -26.15
C GLU A 364 6.62 8.30 -25.57
N ASN A 365 6.39 7.72 -24.40
CA ASN A 365 7.33 6.77 -23.80
C ASN A 365 6.67 5.46 -23.38
N PRO A 366 6.30 4.65 -24.36
CA PRO A 366 5.63 3.40 -24.04
C PRO A 366 6.58 2.36 -23.39
N TYR A 367 7.86 2.53 -23.63
CA TYR A 367 8.87 1.54 -23.29
C TYR A 367 9.70 1.98 -22.08
N ALA A 368 10.36 1.02 -21.44
CA ALA A 368 11.10 1.34 -20.24
C ALA A 368 12.42 2.05 -20.54
N ASP A 369 12.88 2.79 -19.56
CA ASP A 369 14.13 3.48 -19.61
C ASP A 369 15.22 2.66 -18.91
N PRO A 370 16.09 2.02 -19.67
CA PRO A 370 17.08 1.15 -19.03
C PRO A 370 17.96 1.89 -18.01
N ALA A 371 18.26 3.16 -18.24
CA ALA A 371 19.02 3.96 -17.28
C ALA A 371 18.34 4.08 -15.90
N MET A 372 17.03 3.88 -15.78
CA MET A 372 16.31 3.89 -14.50
C MET A 372 16.54 2.61 -13.62
N ALA A 373 17.08 1.54 -14.23
CA ALA A 373 17.34 0.31 -13.49
C ALA A 373 18.03 0.53 -12.15
N GLU A 374 19.03 1.37 -12.12
CA GLU A 374 19.80 1.66 -10.96
C GLU A 374 19.01 2.44 -9.83
N GLN A 375 17.82 2.95 -10.09
CA GLN A 375 16.96 3.48 -9.02
C GLN A 375 16.52 2.41 -8.03
N LEU A 376 16.49 1.14 -8.50
CA LEU A 376 15.99 0.07 -7.63
C LEU A 376 16.90 -0.17 -6.41
N GLY A 377 16.36 -0.07 -5.21
CA GLY A 377 17.21 -0.30 -4.04
C GLY A 377 18.28 0.73 -3.82
N LYS A 378 18.10 1.92 -4.42
CA LYS A 378 19.10 2.97 -4.30
C LYS A 378 19.37 3.39 -2.86
N GLN A 379 20.63 3.48 -2.46
CA GLN A 379 20.95 3.82 -1.09
C GLN A 379 20.20 5.08 -0.58
N GLU A 380 20.04 6.13 -1.38
CA GLU A 380 19.32 7.30 -0.86
C GLU A 380 17.85 6.96 -0.49
N HIS A 381 17.21 6.07 -1.24
CA HIS A 381 15.86 5.66 -0.89
C HIS A 381 15.90 4.81 0.46
N ARG A 382 16.91 3.98 0.65
CA ARG A 382 17.03 3.20 1.85
C ARG A 382 17.22 4.16 3.03
N ASP A 383 18.02 5.21 2.83
CA ASP A 383 18.23 6.17 3.87
C ASP A 383 16.92 6.90 4.25
N LEU A 384 16.10 7.19 3.26
CA LEU A 384 14.79 7.75 3.49
C LEU A 384 13.88 6.76 4.27
N ALA A 385 13.93 5.49 3.89
CA ALA A 385 13.12 4.45 4.52
C ALA A 385 13.57 4.32 5.95
N ARG A 386 14.87 4.36 6.17
CA ARG A 386 15.44 4.38 7.51
C ARG A 386 14.99 5.56 8.39
N GLU A 387 14.98 6.75 7.82
CA GLU A 387 14.40 7.92 8.48
C GLU A 387 12.89 7.72 8.80
N ALA A 388 12.13 7.19 7.85
CA ALA A 388 10.73 6.88 8.08
C ALA A 388 10.47 5.88 9.19
N ALA A 389 11.23 4.79 9.19
CA ALA A 389 11.07 3.71 10.15
C ALA A 389 11.26 4.32 11.55
N ARG A 390 12.39 5.01 11.69
CA ARG A 390 12.72 5.70 12.91
C ARG A 390 11.58 6.64 13.36
N LYS A 391 11.09 7.50 12.46
CA LYS A 391 10.04 8.42 12.81
C LYS A 391 8.71 7.72 13.13
N SER A 392 8.50 6.52 12.62
CA SER A 392 7.25 5.81 12.83
C SER A 392 7.17 5.20 14.24
N LEU A 393 8.30 5.01 14.92
CA LEU A 393 8.32 4.28 16.20
C LEU A 393 7.60 5.07 17.27
N VAL A 394 6.75 4.39 18.03
CA VAL A 394 6.06 5.04 19.13
C VAL A 394 6.53 4.39 20.44
N LEU A 395 7.13 5.20 21.29
CA LEU A 395 7.62 4.76 22.60
C LEU A 395 6.45 4.77 23.54
N LEU A 396 6.08 3.60 24.03
CA LEU A 396 4.91 3.44 24.90
C LEU A 396 5.29 3.44 26.37
N LYS A 397 6.55 3.12 26.68
CA LYS A 397 7.00 2.96 28.07
C LYS A 397 8.52 3.06 28.10
N ASN A 398 9.06 3.76 29.06
CA ASN A 398 10.53 3.93 29.17
C ASN A 398 10.94 4.00 30.67
N GLY A 399 10.99 2.86 31.30
CA GLY A 399 11.18 2.73 32.76
C GLY A 399 9.97 1.96 33.29
N LYS A 400 10.21 0.87 34.01
CA LYS A 400 9.07 0.02 34.49
C LYS A 400 8.12 0.73 35.41
N THR A 401 8.63 1.58 36.29
CA THR A 401 7.85 2.42 37.19
C THR A 401 8.37 3.84 36.89
N SER A 402 7.67 4.87 37.35
CA SER A 402 7.99 6.27 37.03
C SER A 402 9.22 6.76 37.75
N THR A 403 9.64 5.99 38.72
CA THR A 403 10.80 6.29 39.51
C THR A 403 12.13 5.60 38.94
N ASP A 404 11.99 4.62 38.06
CA ASP A 404 13.12 3.93 37.48
C ASP A 404 13.95 4.81 36.55
N ALA A 405 15.21 4.55 36.48
CA ALA A 405 16.02 5.01 35.37
C ALA A 405 15.39 4.67 34.01
N PRO A 406 15.23 5.67 33.12
CA PRO A 406 14.76 5.40 31.73
C PRO A 406 15.75 4.46 31.05
N LEU A 407 15.33 3.35 30.50
CA LEU A 407 16.24 2.48 29.78
C LEU A 407 16.76 3.07 28.46
N LEU A 408 15.96 3.88 27.80
CA LEU A 408 16.29 4.34 26.45
C LEU A 408 16.58 5.80 26.54
N PRO A 409 17.57 6.27 25.82
CA PRO A 409 18.45 5.53 24.90
C PRO A 409 19.51 4.64 25.57
N LEU A 410 19.87 3.55 24.88
CA LEU A 410 20.79 2.57 25.33
C LEU A 410 22.17 3.04 24.94
N PRO A 411 23.16 2.73 25.74
CA PRO A 411 24.51 2.99 25.35
C PRO A 411 25.06 1.98 24.30
N LYS A 412 25.81 2.53 23.37
CA LYS A 412 26.51 1.77 22.30
C LYS A 412 27.71 0.95 22.69
N LYS A 413 28.27 1.34 23.82
CA LYS A 413 29.39 0.71 24.43
C LYS A 413 28.92 -0.02 25.70
N ALA A 414 29.01 -1.34 25.71
CA ALA A 414 28.69 -2.11 26.91
C ALA A 414 29.42 -3.43 26.75
N PRO A 415 29.74 -4.11 27.85
CA PRO A 415 30.61 -5.26 27.62
C PRO A 415 29.90 -6.33 26.80
N LYS A 416 28.59 -6.47 27.03
CA LYS A 416 27.92 -7.55 26.41
C LYS A 416 26.42 -7.35 26.46
N ILE A 417 25.74 -7.60 25.35
CA ILE A 417 24.35 -7.35 25.26
C ILE A 417 23.66 -8.45 24.52
N LEU A 418 22.35 -8.56 24.76
CA LEU A 418 21.59 -9.64 24.18
C LEU A 418 20.50 -9.14 23.23
N VAL A 419 20.44 -9.74 22.05
CA VAL A 419 19.34 -9.54 21.09
C VAL A 419 18.57 -10.84 21.01
N ALA A 420 17.25 -10.74 21.10
CA ALA A 420 16.45 -11.90 21.24
C ALA A 420 15.07 -11.75 20.59
N GLY A 421 14.40 -12.87 20.42
CA GLY A 421 13.01 -12.89 19.94
C GLY A 421 12.84 -13.35 18.48
N SER A 422 11.64 -13.84 18.18
CA SER A 422 11.29 -14.32 16.83
C SER A 422 11.41 -13.30 15.70
N HIS A 423 11.31 -12.02 16.03
CA HIS A 423 11.32 -10.88 15.12
C HIS A 423 12.60 -10.04 15.12
N ALA A 424 13.60 -10.49 15.86
CA ALA A 424 14.86 -9.73 15.95
C ALA A 424 15.76 -10.00 14.79
N ASP A 425 15.61 -11.16 14.15
CA ASP A 425 16.44 -11.45 12.99
C ASP A 425 15.67 -12.10 11.85
N ASN A 426 14.59 -11.48 11.46
CA ASN A 426 13.72 -12.04 10.43
C ASN A 426 13.15 -10.86 9.62
N LEU A 427 13.75 -10.65 8.46
CA LEU A 427 13.46 -9.54 7.58
C LEU A 427 12.02 -9.55 7.06
N GLY A 428 11.57 -10.74 6.72
CA GLY A 428 10.21 -10.88 6.25
C GLY A 428 9.21 -10.47 7.28
N TYR A 429 9.44 -10.84 8.56
CA TYR A 429 8.49 -10.46 9.67
C TYR A 429 8.51 -8.95 9.85
N GLN A 430 9.66 -8.33 9.68
CA GLN A 430 9.72 -6.89 9.88
C GLN A 430 9.07 -6.09 8.76
N CYS A 431 8.85 -6.73 7.59
CA CYS A 431 8.24 -6.06 6.46
C CYS A 431 6.73 -6.30 6.38
N GLY A 432 6.28 -7.46 6.84
CA GLY A 432 4.86 -7.75 6.85
C GLY A 432 4.32 -8.12 5.46
N GLY A 433 2.98 -8.03 5.32
CA GLY A 433 2.35 -8.37 4.04
C GLY A 433 2.79 -7.48 2.88
N TRP A 434 2.37 -7.84 1.66
CA TRP A 434 2.75 -7.12 0.44
C TRP A 434 4.25 -6.91 0.42
N THR A 435 4.98 -7.98 0.68
CA THR A 435 6.42 -7.93 0.51
C THR A 435 6.94 -9.23 -0.11
N ILE A 436 7.36 -9.13 -1.35
CA ILE A 436 7.85 -10.21 -2.20
C ILE A 436 6.72 -11.12 -2.58
N GLU A 437 6.07 -11.70 -1.59
CA GLU A 437 4.82 -12.42 -1.77
C GLU A 437 3.65 -11.60 -1.34
N TRP A 438 2.49 -12.00 -1.82
CA TRP A 438 1.26 -11.33 -1.49
C TRP A 438 1.06 -11.23 0.04
N GLN A 439 1.21 -12.37 0.73
CA GLN A 439 1.00 -12.49 2.17
C GLN A 439 2.23 -12.15 2.98
N GLY A 440 3.25 -11.65 2.29
CA GLY A 440 4.56 -11.57 2.90
C GLY A 440 5.09 -12.95 3.15
N ASP A 441 6.14 -13.06 3.94
CA ASP A 441 6.83 -14.31 4.09
C ASP A 441 7.83 -14.22 5.21
N THR A 442 8.48 -15.32 5.52
CA THR A 442 9.39 -15.41 6.67
C THR A 442 10.84 -15.47 6.17
N GLY A 443 11.74 -14.88 6.91
CA GLY A 443 13.17 -15.01 6.63
C GLY A 443 13.77 -13.90 5.77
N ARG A 444 14.85 -14.24 5.11
CA ARG A 444 15.58 -13.32 4.33
C ARG A 444 15.04 -13.31 2.87
N THR A 445 13.95 -12.60 2.65
CA THR A 445 13.27 -12.56 1.35
C THR A 445 13.79 -11.53 0.39
N THR A 446 14.60 -10.59 0.85
CA THR A 446 15.02 -9.51 -0.01
C THR A 446 16.26 -8.90 0.60
N VAL A 447 16.67 -7.76 0.11
CA VAL A 447 17.85 -7.09 0.60
C VAL A 447 17.36 -6.19 1.70
N GLY A 448 18.04 -6.24 2.84
CA GLY A 448 17.61 -5.47 4.00
C GLY A 448 18.47 -5.69 5.23
N THR A 449 18.17 -4.96 6.30
CA THR A 449 18.87 -5.11 7.55
C THR A 449 17.87 -5.47 8.64
N THR A 450 18.07 -6.61 9.28
CA THR A 450 17.27 -6.96 10.45
C THR A 450 17.66 -6.16 11.66
N ILE A 451 16.90 -6.32 12.74
CA ILE A 451 17.19 -5.61 13.99
C ILE A 451 18.56 -6.05 14.55
N LEU A 452 18.81 -7.34 14.55
CA LEU A 452 20.09 -7.92 14.94
C LEU A 452 21.22 -7.33 14.16
N GLU A 453 21.11 -7.37 12.84
CA GLU A 453 22.17 -6.79 12.01
C GLU A 453 22.35 -5.29 12.28
N ALA A 454 21.25 -4.61 12.51
CA ALA A 454 21.33 -3.18 12.79
C ALA A 454 22.06 -2.93 14.12
N VAL A 455 21.83 -3.76 15.13
CA VAL A 455 22.48 -3.59 16.41
C VAL A 455 23.99 -3.81 16.25
N LYS A 456 24.36 -4.90 15.58
CA LYS A 456 25.76 -5.14 15.28
C LYS A 456 26.39 -4.00 14.51
N ALA A 457 25.63 -3.40 13.59
CA ALA A 457 26.11 -2.29 12.79
C ALA A 457 26.28 -0.97 13.58
N ALA A 458 25.61 -0.85 14.72
CA ALA A 458 25.55 0.41 15.48
C ALA A 458 26.43 0.37 16.66
N VAL A 459 26.68 -0.82 17.23
CA VAL A 459 27.37 -0.82 18.53
C VAL A 459 28.89 -0.55 18.43
N ASP A 460 29.45 -0.04 19.53
CA ASP A 460 30.92 0.13 19.66
C ASP A 460 31.59 -1.18 19.39
N PRO A 461 32.77 -1.14 18.75
CA PRO A 461 33.42 -2.40 18.37
C PRO A 461 33.74 -3.31 19.57
N SER A 462 33.89 -2.77 20.77
CA SER A 462 34.10 -3.64 21.93
C SER A 462 32.85 -4.25 22.51
N THR A 463 31.68 -3.78 22.13
CA THR A 463 30.48 -4.39 22.65
C THR A 463 30.25 -5.78 22.02
N VAL A 464 30.11 -6.82 22.84
CA VAL A 464 29.79 -8.16 22.38
C VAL A 464 28.27 -8.28 22.21
N VAL A 465 27.84 -8.67 21.02
CA VAL A 465 26.42 -8.89 20.76
C VAL A 465 26.12 -10.39 20.65
N VAL A 466 25.23 -10.93 21.49
CA VAL A 466 24.78 -12.29 21.42
C VAL A 466 23.36 -12.37 20.87
N PHE A 467 23.07 -13.30 19.97
CA PHE A 467 21.70 -13.50 19.55
C PHE A 467 21.16 -14.82 20.08
N ALA A 468 19.94 -14.84 20.58
CA ALA A 468 19.31 -16.07 20.94
C ALA A 468 17.85 -15.79 20.68
N GLU A 469 17.28 -16.55 19.78
CA GLU A 469 15.89 -16.36 19.36
C GLU A 469 14.90 -16.50 20.51
N ASN A 470 14.97 -17.61 21.23
CA ASN A 470 13.99 -17.88 22.28
C ASN A 470 14.67 -18.38 23.51
N PRO A 471 15.53 -17.58 24.13
CA PRO A 471 16.27 -18.19 25.25
C PRO A 471 15.42 -18.38 26.51
N ASP A 472 15.87 -19.26 27.38
CA ASP A 472 15.25 -19.38 28.71
C ASP A 472 15.81 -18.38 29.71
N ALA A 473 15.09 -18.21 30.79
CA ALA A 473 15.45 -17.18 31.73
C ALA A 473 16.82 -17.43 32.37
N GLU A 474 17.18 -18.69 32.57
CA GLU A 474 18.50 -19.05 33.11
C GLU A 474 19.69 -18.64 32.22
N PHE A 475 19.54 -18.84 30.92
CA PHE A 475 20.54 -18.39 29.96
C PHE A 475 20.80 -16.88 30.08
N VAL A 476 19.71 -16.15 30.17
CA VAL A 476 19.74 -14.71 30.34
C VAL A 476 20.34 -14.30 31.69
N LYS A 477 19.86 -14.90 32.77
CA LYS A 477 20.34 -14.52 34.09
C LYS A 477 21.82 -14.77 34.27
N SER A 478 22.32 -15.83 33.61
CA SER A 478 23.73 -16.25 33.61
C SER A 478 24.63 -15.55 32.63
N GLY A 479 24.09 -14.83 31.67
CA GLY A 479 24.91 -14.37 30.56
C GLY A 479 25.82 -13.18 30.76
N GLY A 480 25.71 -12.48 31.88
CA GLY A 480 26.45 -11.22 32.08
C GLY A 480 26.03 -10.11 31.10
N PHE A 481 24.74 -10.00 30.79
CA PHE A 481 24.29 -8.97 29.86
C PHE A 481 24.07 -7.63 30.55
N SER A 482 24.38 -6.54 29.86
CA SER A 482 24.07 -5.23 30.37
C SER A 482 22.60 -4.89 30.14
N TYR A 483 22.09 -5.31 29.00
CA TYR A 483 20.71 -5.15 28.68
C TYR A 483 20.39 -6.08 27.50
N ALA A 484 19.12 -6.17 27.22
CA ALA A 484 18.62 -6.96 26.11
C ALA A 484 17.63 -6.14 25.25
N ILE A 485 17.64 -6.42 23.96
CA ILE A 485 16.70 -5.93 23.00
C ILE A 485 15.90 -7.17 22.52
N VAL A 486 14.60 -7.12 22.65
CA VAL A 486 13.81 -8.29 22.31
C VAL A 486 12.65 -7.87 21.41
N ALA A 487 12.58 -8.50 20.24
CA ALA A 487 11.64 -8.18 19.22
C ALA A 487 10.74 -9.36 18.95
N VAL A 488 9.44 -9.06 19.02
CA VAL A 488 8.36 -10.03 18.85
C VAL A 488 7.17 -9.31 18.23
N GLY A 489 6.14 -10.11 17.90
CA GLY A 489 4.95 -9.54 17.30
C GLY A 489 4.18 -10.40 16.33
N GLU A 490 3.43 -9.75 15.43
CA GLU A 490 2.59 -10.47 14.48
C GLU A 490 3.38 -11.04 13.34
N HIS A 491 2.82 -12.07 12.74
CA HIS A 491 3.34 -12.59 11.49
C HIS A 491 2.73 -11.85 10.33
N PRO A 492 3.41 -11.91 9.19
CA PRO A 492 2.94 -11.18 8.01
C PRO A 492 1.59 -11.65 7.54
N TYR A 493 0.70 -10.74 7.21
CA TYR A 493 -0.60 -11.15 6.68
C TYR A 493 -1.08 -10.08 5.73
N THR A 494 -2.07 -10.44 4.95
CA THR A 494 -2.66 -9.51 4.02
C THR A 494 -4.14 -9.83 3.78
N GLU A 495 -4.96 -8.82 3.64
CA GLU A 495 -6.36 -9.04 3.29
C GLU A 495 -7.03 -9.95 4.34
N THR A 496 -7.92 -10.84 3.93
CA THR A 496 -8.80 -11.60 4.86
C THR A 496 -8.04 -12.51 5.79
N LYS A 497 -6.83 -12.90 5.41
CA LYS A 497 -5.97 -13.74 6.25
C LYS A 497 -5.60 -13.05 7.55
N GLY A 498 -5.66 -11.74 7.58
CA GLY A 498 -5.27 -11.03 8.78
C GLY A 498 -6.44 -10.58 9.61
N ASP A 499 -7.65 -10.84 9.15
CA ASP A 499 -8.83 -10.47 9.98
C ASP A 499 -8.69 -11.26 11.26
N ASN A 500 -8.90 -10.65 12.40
CA ASN A 500 -8.52 -11.33 13.64
C ASN A 500 -9.30 -10.75 14.80
N LEU A 501 -10.13 -11.58 15.39
CA LEU A 501 -11.00 -11.15 16.48
C LEU A 501 -10.29 -11.05 17.82
N ASN A 502 -9.17 -11.74 18.01
CA ASN A 502 -8.46 -11.80 19.30
C ASN A 502 -7.28 -10.85 19.44
N LEU A 503 -6.54 -10.56 18.39
CA LEU A 503 -5.49 -9.53 18.43
C LEU A 503 -4.44 -9.75 19.52
N THR A 504 -4.07 -11.00 19.71
CA THR A 504 -3.00 -11.31 20.58
C THR A 504 -1.82 -11.84 19.79
N ILE A 505 -0.61 -11.44 20.16
CA ILE A 505 0.50 -11.86 19.36
C ILE A 505 0.70 -13.37 19.53
N PRO A 506 1.18 -14.06 18.49
CA PRO A 506 1.49 -15.50 18.62
C PRO A 506 2.64 -15.80 19.56
N GLU A 507 2.57 -16.98 20.19
CA GLU A 507 3.67 -17.50 21.03
C GLU A 507 4.68 -18.25 20.16
N PRO A 508 5.91 -18.48 20.67
CA PRO A 508 6.43 -17.75 21.82
C PRO A 508 6.61 -16.29 21.40
N GLY A 509 6.40 -15.41 22.33
CA GLY A 509 6.37 -14.00 22.03
C GLY A 509 6.44 -13.40 23.40
N LEU A 510 5.27 -13.43 24.02
CA LEU A 510 5.14 -13.04 25.37
C LEU A 510 6.10 -13.82 26.27
N SER A 511 6.16 -15.13 26.12
CA SER A 511 7.02 -15.89 27.01
C SER A 511 8.52 -15.67 26.78
N THR A 512 8.90 -15.32 25.57
CA THR A 512 10.30 -14.87 25.40
C THR A 512 10.56 -13.52 26.08
N VAL A 513 9.62 -12.59 25.97
CA VAL A 513 9.75 -11.32 26.58
C VAL A 513 9.90 -11.53 28.07
N GLN A 514 9.06 -12.37 28.64
CA GLN A 514 9.08 -12.59 30.11
C GLN A 514 10.36 -13.27 30.53
N ALA A 515 10.79 -14.26 29.77
CA ALA A 515 12.08 -14.93 30.08
C ALA A 515 13.24 -13.93 30.01
N VAL A 516 13.29 -13.08 29.00
CA VAL A 516 14.42 -12.15 28.84
C VAL A 516 14.39 -11.02 29.90
N CYS A 517 13.22 -10.42 30.08
CA CYS A 517 13.07 -9.30 31.00
C CYS A 517 13.24 -9.76 32.45
N GLY A 518 12.94 -11.00 32.75
CA GLY A 518 13.13 -11.51 34.08
C GLY A 518 14.58 -11.72 34.40
N GLY A 519 15.46 -11.69 33.40
CA GLY A 519 16.90 -11.91 33.66
C GLY A 519 17.81 -10.70 33.47
N VAL A 520 17.33 -9.70 32.75
CA VAL A 520 18.11 -8.47 32.49
C VAL A 520 17.13 -7.36 32.09
N ARG A 521 17.50 -6.11 32.33
CA ARG A 521 16.65 -5.02 31.90
C ARG A 521 16.49 -5.08 30.32
N CYS A 522 15.27 -5.01 29.85
CA CYS A 522 14.98 -5.26 28.44
C CYS A 522 14.21 -4.12 27.78
N ALA A 523 14.52 -3.90 26.51
CA ALA A 523 13.73 -3.04 25.65
C ALA A 523 13.02 -3.98 24.62
N THR A 524 11.70 -3.94 24.64
CA THR A 524 10.85 -4.74 23.84
C THR A 524 10.37 -3.94 22.61
N VAL A 525 10.69 -4.48 21.44
CA VAL A 525 10.28 -3.94 20.16
C VAL A 525 9.15 -4.81 19.64
N LEU A 526 7.98 -4.19 19.58
CA LEU A 526 6.81 -4.90 19.15
C LEU A 526 6.55 -4.61 17.67
N ILE A 527 6.55 -5.66 16.88
CA ILE A 527 6.32 -5.57 15.43
C ILE A 527 4.89 -6.02 15.15
N SER A 528 4.03 -5.16 14.61
CA SER A 528 2.61 -5.47 14.40
C SER A 528 2.05 -4.53 13.32
N GLY A 529 0.94 -4.91 12.71
CA GLY A 529 0.28 -3.99 11.73
C GLY A 529 -0.82 -3.12 12.37
N ARG A 530 -0.91 -3.19 13.69
CA ARG A 530 -2.02 -2.65 14.44
C ARG A 530 -1.75 -2.78 15.97
N PRO A 531 -2.50 -2.05 16.79
CA PRO A 531 -2.58 -2.37 18.18
C PRO A 531 -2.98 -3.81 18.42
N VAL A 532 -2.31 -4.43 19.36
CA VAL A 532 -2.61 -5.78 19.81
C VAL A 532 -2.70 -5.76 21.33
N VAL A 533 -3.25 -6.82 21.92
CA VAL A 533 -3.29 -6.88 23.38
C VAL A 533 -1.88 -6.74 23.95
N VAL A 534 -1.64 -5.72 24.77
CA VAL A 534 -0.27 -5.33 25.14
C VAL A 534 0.05 -5.24 26.63
N GLN A 535 -0.93 -5.38 27.50
CA GLN A 535 -0.67 -5.23 28.95
C GLN A 535 0.32 -6.24 29.49
N PRO A 536 0.20 -7.50 29.11
CA PRO A 536 1.26 -8.42 29.55
C PRO A 536 2.69 -8.09 29.03
N LEU A 537 2.85 -7.65 27.78
CA LEU A 537 4.18 -7.18 27.29
C LEU A 537 4.66 -5.99 28.10
N LEU A 538 3.74 -5.05 28.35
CA LEU A 538 4.07 -3.92 29.18
C LEU A 538 4.55 -4.30 30.61
N ALA A 539 3.86 -5.24 31.26
CA ALA A 539 4.14 -5.56 32.67
C ALA A 539 5.51 -6.13 32.74
N ALA A 540 5.85 -6.95 31.76
CA ALA A 540 7.18 -7.58 31.73
C ALA A 540 8.36 -6.65 31.39
N SER A 541 8.12 -5.60 30.62
CA SER A 541 9.18 -4.88 29.92
C SER A 541 9.61 -3.60 30.64
N ASP A 542 10.90 -3.33 30.70
CA ASP A 542 11.39 -2.01 31.07
C ASP A 542 11.05 -0.90 30.08
N ALA A 543 11.20 -1.13 28.77
CA ALA A 543 10.77 -0.14 27.76
C ALA A 543 10.07 -0.93 26.71
N LEU A 544 9.11 -0.33 26.07
CA LEU A 544 8.45 -0.97 25.00
C LEU A 544 8.16 0.05 23.89
N VAL A 545 8.47 -0.38 22.67
CA VAL A 545 8.38 0.40 21.45
C VAL A 545 7.46 -0.32 20.44
N ALA A 546 6.43 0.38 19.99
CA ALA A 546 5.58 -0.04 18.92
C ALA A 546 6.22 0.39 17.64
N ALA A 547 6.78 -0.57 16.91
CA ALA A 547 7.54 -0.30 15.71
C ALA A 547 6.75 -0.55 14.41
N TRP A 548 5.49 -0.96 14.55
CA TRP A 548 4.64 -1.26 13.42
C TRP A 548 5.31 -2.27 12.46
N LEU A 549 5.32 -2.00 11.14
CA LEU A 549 5.99 -2.91 10.19
C LEU A 549 7.01 -2.06 9.42
N PRO A 550 8.19 -1.88 10.00
CA PRO A 550 9.07 -0.79 9.58
C PRO A 550 9.78 -0.98 8.25
N GLY A 551 9.71 -2.21 7.71
CA GLY A 551 10.21 -2.47 6.38
C GLY A 551 11.64 -2.96 6.37
N SER A 552 12.34 -2.71 5.27
CA SER A 552 13.60 -3.38 5.07
C SER A 552 14.80 -2.76 5.85
N GLU A 553 14.65 -1.52 6.29
CA GLU A 553 15.76 -0.75 6.87
C GLU A 553 15.66 -0.74 8.39
N GLY A 554 16.10 -1.84 9.00
CA GLY A 554 16.02 -2.01 10.47
C GLY A 554 16.89 -1.08 11.29
N GLN A 555 17.82 -0.42 10.63
CA GLN A 555 18.63 0.62 11.29
C GLN A 555 17.77 1.81 11.77
N GLY A 556 16.56 1.94 11.27
CA GLY A 556 15.65 2.95 11.80
C GLY A 556 15.28 2.66 13.25
N VAL A 557 15.20 1.38 13.61
CA VAL A 557 14.86 0.97 14.96
C VAL A 557 16.00 1.35 15.92
N THR A 558 17.22 0.99 15.56
CA THR A 558 18.38 1.21 16.39
C THR A 558 18.80 2.65 16.44
N ASP A 559 18.59 3.40 15.36
CA ASP A 559 18.80 4.83 15.41
C ASP A 559 18.10 5.46 16.59
N ALA A 560 16.86 5.01 16.90
CA ALA A 560 16.16 5.52 18.07
C ALA A 560 16.58 4.79 19.35
N LEU A 561 16.76 3.49 19.30
CA LEU A 561 17.03 2.77 20.51
C LEU A 561 18.33 3.26 21.14
N PHE A 562 19.33 3.57 20.30
CA PHE A 562 20.65 3.99 20.76
C PHE A 562 20.79 5.50 20.76
N GLY A 563 19.70 6.23 20.63
CA GLY A 563 19.81 7.67 20.83
C GLY A 563 20.50 8.54 19.79
N ASP A 564 20.73 8.06 18.59
CA ASP A 564 21.12 8.99 17.50
C ASP A 564 20.02 10.00 17.17
N PHE A 565 18.76 9.64 17.42
CA PHE A 565 17.64 10.52 17.28
C PHE A 565 16.71 10.25 18.44
N GLY A 566 15.98 11.29 18.85
CA GLY A 566 14.95 11.11 19.88
C GLY A 566 13.71 10.50 19.27
N PHE A 567 12.94 9.75 20.07
CA PHE A 567 11.64 9.19 19.66
C PHE A 567 10.65 10.35 19.45
N THR A 568 9.93 10.36 18.33
CA THR A 568 9.00 11.43 18.01
C THR A 568 7.64 10.87 17.61
N GLY A 569 7.49 9.60 17.36
CA GLY A 569 6.24 9.12 16.81
C GLY A 569 5.13 9.20 17.83
N ARG A 570 3.89 9.29 17.32
CA ARG A 570 2.70 9.34 18.12
C ARG A 570 1.66 8.39 17.51
N LEU A 571 0.91 7.70 18.37
CA LEU A 571 -0.04 6.70 17.94
C LEU A 571 -1.02 7.32 16.92
N PRO A 572 -1.21 6.68 15.77
CA PRO A 572 -2.17 7.15 14.77
C PRO A 572 -3.52 6.43 14.96
N ARG A 573 -3.60 5.61 15.99
CA ARG A 573 -4.77 4.87 16.31
C ARG A 573 -4.87 4.82 17.81
N THR A 574 -6.05 4.43 18.25
CA THR A 574 -6.37 4.21 19.62
C THR A 574 -5.82 2.84 20.01
N TRP A 575 -5.17 2.74 21.18
CA TRP A 575 -4.69 1.45 21.71
C TRP A 575 -5.67 1.00 22.76
N PHE A 576 -6.47 0.01 22.41
CA PHE A 576 -7.54 -0.54 23.27
C PHE A 576 -6.98 -1.28 24.50
N LYS A 577 -7.85 -1.38 25.49
CA LYS A 577 -7.56 -2.17 26.67
C LYS A 577 -7.92 -3.62 26.39
N SER A 578 -8.98 -3.80 25.60
CA SER A 578 -9.55 -5.09 25.33
C SER A 578 -10.25 -5.08 23.98
N VAL A 579 -10.16 -6.19 23.29
CA VAL A 579 -10.91 -6.33 22.06
C VAL A 579 -12.45 -6.18 22.23
N ASP A 580 -13.05 -6.47 23.38
CA ASP A 580 -14.53 -6.27 23.45
C ASP A 580 -14.84 -4.78 23.55
N GLN A 581 -13.88 -3.90 23.70
CA GLN A 581 -14.24 -2.47 23.57
C GLN A 581 -14.53 -2.09 22.09
N LEU A 582 -14.12 -2.96 21.17
CA LEU A 582 -14.01 -2.54 19.78
C LEU A 582 -15.40 -2.62 19.16
N PRO A 583 -15.74 -1.66 18.29
CA PRO A 583 -14.87 -0.56 17.86
C PRO A 583 -14.84 0.59 18.82
N MET A 584 -13.71 1.29 18.85
CA MET A 584 -13.48 2.42 19.76
C MET A 584 -12.46 3.32 19.14
N ASN A 585 -12.91 4.48 18.73
CA ASN A 585 -12.09 5.45 18.08
C ASN A 585 -12.09 6.81 18.77
N VAL A 586 -11.02 7.58 18.59
CA VAL A 586 -10.97 8.93 19.12
C VAL A 586 -12.21 9.74 18.73
N GLY A 587 -12.85 10.34 19.73
CA GLY A 587 -14.03 11.13 19.49
C GLY A 587 -15.30 10.43 19.90
N ASP A 588 -15.25 9.13 20.18
CA ASP A 588 -16.45 8.41 20.59
C ASP A 588 -16.86 8.90 22.02
N ALA A 589 -18.15 8.93 22.30
CA ALA A 589 -18.70 9.08 23.65
C ALA A 589 -18.22 7.99 24.60
N HIS A 590 -18.57 6.79 24.22
CA HIS A 590 -17.86 5.54 24.44
C HIS A 590 -16.41 5.57 25.16
N TYR A 591 -15.40 6.29 24.61
CA TYR A 591 -13.86 6.30 24.90
C TYR A 591 -12.99 5.96 26.15
N ASP A 592 -12.49 4.71 26.24
CA ASP A 592 -11.70 4.27 27.41
C ASP A 592 -10.36 3.59 27.00
N PRO A 593 -9.46 4.33 26.37
CA PRO A 593 -8.25 3.72 25.78
C PRO A 593 -7.20 3.34 26.80
N LEU A 594 -6.41 2.31 26.52
CA LEU A 594 -5.14 2.10 27.23
C LEU A 594 -4.18 3.25 26.88
N PHE A 595 -4.06 3.60 25.61
CA PHE A 595 -3.29 4.77 25.20
C PHE A 595 -4.12 5.48 24.18
N ARG A 596 -4.37 6.77 24.37
CA ARG A 596 -5.28 7.49 23.45
C ARG A 596 -4.55 7.73 22.10
N LEU A 597 -5.27 7.89 21.02
CA LEU A 597 -4.64 8.38 19.80
C LEU A 597 -3.83 9.64 20.12
N GLY A 598 -2.63 9.80 19.53
CA GLY A 598 -1.80 10.97 19.77
C GLY A 598 -0.76 10.70 20.85
N TYR A 599 -0.90 9.61 21.60
CA TYR A 599 0.05 9.31 22.66
C TYR A 599 1.40 8.86 22.16
N GLY A 600 2.42 9.29 22.86
CA GLY A 600 3.74 8.89 22.50
C GLY A 600 4.77 9.51 23.39
N LEU A 601 5.68 8.72 23.95
CA LEU A 601 6.74 9.27 24.77
C LEU A 601 7.91 9.74 23.86
N THR A 602 8.75 10.63 24.39
CA THR A 602 9.95 11.11 23.71
C THR A 602 11.28 10.84 24.48
N THR A 603 12.38 10.97 23.77
CA THR A 603 13.70 10.95 24.38
C THR A 603 14.47 12.04 23.71
N ASN A 604 15.66 12.32 24.20
CA ASN A 604 16.57 13.21 23.51
C ASN A 604 17.72 12.46 22.85
N ALA A 605 18.22 13.00 21.75
CA ALA A 605 19.39 12.43 21.10
C ALA A 605 20.59 12.47 22.07
N THR A 606 21.58 11.57 21.95
CA THR A 606 22.76 11.53 22.87
C THR A 606 24.03 11.97 22.20
#